data_3VOP
#
_entry.id   3VOP
#
_cell.length_a   79.190
_cell.length_b   79.190
_cell.length_c   90.222
_cell.angle_alpha   90.000
_cell.angle_beta   90.000
_cell.angle_gamma   90.000
#
_symmetry.space_group_name_H-M   'P 43 21 2'
#
loop_
_entity.id
_entity.type
_entity.pdbx_description
1 polymer 'Protein A27'
2 non-polymer DI(HYDROXYETHYL)ETHER
3 water water
#
_entity_poly.entity_id   1
_entity_poly.type   'polypeptide(L)'
_entity_poly.pdbx_seq_one_letter_code
;STKAAKKPEAKREAIVKADEDDNEETLKQRLTNLEKKITNVTTKFEQIEKAAKRNDEVLFRLEN
;
_entity_poly.pdbx_strand_id   A,B,C
#
loop_
_chem_comp.id
_chem_comp.type
_chem_comp.name
_chem_comp.formula
PEG non-polymer DI(HYDROXYETHYL)ETHER 'C4 H10 O3'
#
# COMPACT_ATOMS: atom_id res chain seq x y z
N GLU A 25 20.66 -9.74 -4.31
CA GLU A 25 19.23 -9.35 -4.48
C GLU A 25 19.08 -8.24 -5.50
N THR A 26 18.82 -8.59 -6.77
CA THR A 26 18.53 -7.58 -7.80
C THR A 26 17.32 -6.76 -7.39
N LEU A 27 17.28 -5.52 -7.88
CA LEU A 27 16.07 -4.74 -7.93
C LEU A 27 14.80 -5.61 -8.22
N LYS A 28 14.93 -6.51 -9.20
CA LYS A 28 13.82 -7.37 -9.62
C LYS A 28 13.45 -8.43 -8.59
N GLN A 29 14.43 -8.99 -7.89
CA GLN A 29 14.17 -9.90 -6.75
C GLN A 29 13.42 -9.15 -5.66
N ARG A 30 13.82 -7.89 -5.39
CA ARG A 30 13.10 -7.04 -4.44
C ARG A 30 11.67 -6.76 -4.89
N LEU A 31 11.47 -6.35 -6.14
CA LEU A 31 10.12 -6.10 -6.67
C LEU A 31 9.20 -7.30 -6.49
N THR A 32 9.62 -8.44 -7.03
CA THR A 32 8.89 -9.72 -6.89
C THR A 32 8.51 -10.01 -5.43
N ASN A 33 9.47 -9.91 -4.52
CA ASN A 33 9.25 -10.05 -3.08
C ASN A 33 8.19 -9.07 -2.55
N LEU A 34 8.26 -7.81 -2.96
CA LEU A 34 7.29 -6.81 -2.50
C LEU A 34 5.86 -7.05 -3.02
N GLU A 35 5.78 -7.48 -4.27
CA GLU A 35 4.52 -7.89 -4.88
C GLU A 35 3.87 -9.00 -4.06
N LYS A 36 4.65 -10.02 -3.67
CA LYS A 36 4.15 -11.06 -2.76
C LYS A 36 3.68 -10.54 -1.42
N LYS A 37 4.49 -9.71 -0.77
CA LYS A 37 4.12 -9.09 0.50
C LYS A 37 2.84 -8.26 0.42
N ILE A 38 2.68 -7.47 -0.65
CA ILE A 38 1.48 -6.66 -0.84
C ILE A 38 0.25 -7.54 -1.07
N THR A 39 0.44 -8.67 -1.77
CA THR A 39 -0.65 -9.62 -1.95
C THR A 39 -1.11 -10.24 -0.61
N ASN A 40 -0.17 -10.70 0.21
CA ASN A 40 -0.50 -11.23 1.55
C ASN A 40 -1.18 -10.22 2.47
N VAL A 41 -0.65 -8.99 2.49
CA VAL A 41 -1.27 -7.92 3.26
C VAL A 41 -2.69 -7.56 2.77
N THR A 42 -2.87 -7.57 1.47
CA THR A 42 -4.15 -7.23 0.88
C THR A 42 -5.24 -8.27 1.21
N THR A 43 -4.92 -9.57 1.08
CA THR A 43 -5.83 -10.67 1.45
C THR A 43 -6.30 -10.50 2.90
N LYS A 44 -5.33 -10.39 3.82
CA LYS A 44 -5.61 -10.09 5.23
C LYS A 44 -6.48 -8.85 5.38
N PHE A 45 -6.08 -7.76 4.72
CA PHE A 45 -6.85 -6.53 4.81
C PHE A 45 -8.31 -6.68 4.30
N GLU A 46 -8.48 -7.50 3.27
CA GLU A 46 -9.77 -7.69 2.65
C GLU A 46 -10.75 -8.34 3.61
N GLN A 47 -10.28 -9.23 4.47
CA GLN A 47 -11.11 -9.83 5.50
C GLN A 47 -11.64 -8.74 6.48
N ILE A 48 -10.80 -7.76 6.83
CA ILE A 48 -11.24 -6.63 7.65
C ILE A 48 -12.27 -5.80 6.88
N GLU A 49 -12.05 -5.56 5.59
CA GLU A 49 -13.01 -4.83 4.79
C GLU A 49 -14.42 -5.45 4.76
N LYS A 50 -14.48 -6.79 4.62
CA LYS A 50 -15.73 -7.50 4.54
C LYS A 50 -16.46 -7.38 5.88
N ALA A 51 -15.73 -7.54 6.99
CA ALA A 51 -16.31 -7.38 8.30
C ALA A 51 -16.76 -5.92 8.49
N ALA A 52 -15.96 -4.93 8.05
CA ALA A 52 -16.39 -3.52 8.16
C ALA A 52 -17.68 -3.24 7.36
N LYS A 53 -17.79 -3.88 6.23
CA LYS A 53 -18.93 -3.71 5.36
C LYS A 53 -20.16 -4.36 6.03
N ARG A 54 -19.99 -5.56 6.56
CA ARG A 54 -21.07 -6.23 7.28
C ARG A 54 -21.53 -5.35 8.45
N ASN A 55 -20.58 -4.73 9.17
CA ASN A 55 -20.92 -3.85 10.31
C ASN A 55 -21.78 -2.65 9.91
N ASP A 56 -21.45 -2.03 8.78
CA ASP A 56 -22.27 -0.96 8.25
C ASP A 56 -23.68 -1.48 7.92
N GLU A 57 -23.78 -2.68 7.34
CA GLU A 57 -25.09 -3.22 6.95
C GLU A 57 -25.93 -3.49 8.17
N VAL A 58 -25.33 -4.07 9.21
CA VAL A 58 -25.99 -4.30 10.48
C VAL A 58 -26.47 -2.96 11.13
N LEU A 59 -25.59 -1.97 11.19
CA LEU A 59 -25.99 -0.66 11.72
C LEU A 59 -27.13 -0.05 10.92
N PHE A 60 -27.05 -0.15 9.59
CA PHE A 60 -28.11 0.37 8.74
C PHE A 60 -29.47 -0.25 9.15
N ARG A 61 -29.49 -1.56 9.39
CA ARG A 61 -30.78 -2.23 9.74
C ARG A 61 -31.24 -1.80 11.14
N LEU A 62 -30.30 -1.65 12.07
CA LEU A 62 -30.62 -1.12 13.42
C LEU A 62 -31.13 0.31 13.44
N GLU A 63 -30.63 1.13 12.51
CA GLU A 63 -31.04 2.52 12.34
C GLU A 63 -32.36 2.77 11.68
N ASN A 64 -32.86 1.79 10.96
CA ASN A 64 -34.00 2.05 10.09
C ASN A 64 -35.17 1.10 10.44
N GLU B 25 7.96 0.59 -20.30
CA GLU B 25 8.85 -0.21 -19.40
C GLU B 25 8.01 -0.95 -18.35
N THR B 26 8.20 -2.26 -18.25
CA THR B 26 7.48 -3.07 -17.27
C THR B 26 7.95 -2.82 -15.83
N LEU B 27 9.20 -2.39 -15.64
CA LEU B 27 9.63 -1.99 -14.29
C LEU B 27 8.84 -0.78 -13.83
N LYS B 28 8.70 0.23 -14.68
CA LYS B 28 7.89 1.39 -14.33
C LYS B 28 6.43 1.02 -14.04
N GLN B 29 5.85 0.12 -14.82
CA GLN B 29 4.47 -0.30 -14.57
C GLN B 29 4.34 -1.04 -13.25
N ARG B 30 5.28 -1.95 -12.99
CA ARG B 30 5.27 -2.70 -11.73
C ARG B 30 5.35 -1.76 -10.53
N LEU B 31 6.25 -0.78 -10.60
CA LEU B 31 6.45 0.16 -9.52
C LEU B 31 5.21 1.01 -9.28
N THR B 32 4.62 1.49 -10.38
CA THR B 32 3.37 2.25 -10.35
C THR B 32 2.20 1.45 -9.73
N ASN B 33 2.07 0.18 -10.11
CA ASN B 33 1.02 -0.68 -9.57
C ASN B 33 1.23 -0.89 -8.07
N LEU B 34 2.47 -1.10 -7.66
CA LEU B 34 2.79 -1.34 -6.26
C LEU B 34 2.51 -0.11 -5.39
N GLU B 35 2.90 1.07 -5.89
CA GLU B 35 2.55 2.34 -5.26
C GLU B 35 1.02 2.52 -5.12
N LYS B 36 0.28 2.20 -6.17
CA LYS B 36 -1.18 2.38 -6.14
C LYS B 36 -1.84 1.49 -5.12
N LYS B 37 -1.37 0.26 -4.98
CA LYS B 37 -2.00 -0.70 -4.11
C LYS B 37 -1.74 -0.31 -2.68
N ILE B 38 -0.52 0.11 -2.38
CA ILE B 38 -0.19 0.44 -1.00
C ILE B 38 -0.93 1.71 -0.56
N THR B 39 -1.03 2.68 -1.47
CA THR B 39 -1.83 3.88 -1.27
C THR B 39 -3.33 3.54 -1.08
N ASN B 40 -3.90 2.70 -1.95
CA ASN B 40 -5.29 2.31 -1.79
C ASN B 40 -5.57 1.63 -0.45
N VAL B 41 -4.69 0.70 -0.04
CA VAL B 41 -4.87 -0.03 1.19
C VAL B 41 -4.70 0.91 2.39
N THR B 42 -3.70 1.78 2.38
CA THR B 42 -3.52 2.69 3.50
C THR B 42 -4.65 3.72 3.62
N THR B 43 -5.15 4.27 2.51
CA THR B 43 -6.32 5.16 2.63
C THR B 43 -7.61 4.42 3.09
N LYS B 44 -7.89 3.24 2.54
CA LYS B 44 -8.98 2.42 3.06
C LYS B 44 -8.86 2.08 4.56
N PHE B 45 -7.64 1.78 5.03
CA PHE B 45 -7.32 1.52 6.44
C PHE B 45 -7.81 2.69 7.33
N GLU B 46 -7.39 3.91 6.99
CA GLU B 46 -7.88 5.11 7.66
C GLU B 46 -9.42 5.28 7.65
N GLN B 47 -10.05 5.07 6.49
CA GLN B 47 -11.49 5.17 6.33
C GLN B 47 -12.25 4.21 7.26
N ILE B 48 -11.81 2.96 7.31
CA ILE B 48 -12.44 1.90 8.07
C ILE B 48 -12.28 2.17 9.56
N GLU B 49 -11.11 2.68 9.94
CA GLU B 49 -10.84 2.98 11.32
C GLU B 49 -11.81 4.11 11.76
N LYS B 50 -11.91 5.19 10.97
CA LYS B 50 -12.87 6.28 11.27
C LYS B 50 -14.31 5.75 11.33
N ALA B 51 -14.69 4.90 10.40
CA ALA B 51 -16.06 4.38 10.30
C ALA B 51 -16.41 3.51 11.50
N ALA B 52 -15.44 2.78 12.04
CA ALA B 52 -15.70 1.93 13.18
C ALA B 52 -15.94 2.79 14.43
N LYS B 53 -15.17 3.86 14.56
CA LYS B 53 -15.37 4.77 15.70
C LYS B 53 -16.71 5.48 15.57
N ARG B 54 -17.04 5.90 14.34
CA ARG B 54 -18.30 6.62 14.07
C ARG B 54 -19.48 5.68 14.37
N ASN B 55 -19.41 4.43 13.88
CA ASN B 55 -20.46 3.44 14.16
C ASN B 55 -20.65 3.20 15.65
N ASP B 56 -19.53 3.07 16.39
CA ASP B 56 -19.62 3.00 17.86
C ASP B 56 -20.36 4.19 18.47
N GLU B 57 -20.10 5.38 17.94
CA GLU B 57 -20.74 6.57 18.52
C GLU B 57 -22.27 6.54 18.26
N VAL B 58 -22.66 6.20 17.05
CA VAL B 58 -24.06 6.02 16.76
C VAL B 58 -24.72 4.94 17.63
N LEU B 59 -24.06 3.82 17.76
CA LEU B 59 -24.59 2.67 18.54
C LEU B 59 -24.81 3.10 20.01
N PHE B 60 -23.83 3.79 20.58
CA PHE B 60 -24.00 4.51 21.86
C PHE B 60 -25.23 5.45 21.86
N ARG B 61 -25.38 6.29 20.83
CA ARG B 61 -26.58 7.12 20.80
C ARG B 61 -27.91 6.35 20.66
N LEU B 62 -27.91 5.20 19.99
CA LEU B 62 -29.13 4.40 19.84
C LEU B 62 -29.67 3.86 21.19
N GLU B 63 -28.73 3.57 22.11
CA GLU B 63 -29.02 3.07 23.44
C GLU B 63 -29.44 4.19 24.36
N ASN B 64 -28.73 5.32 24.30
CA ASN B 64 -28.90 6.38 25.26
C ASN B 64 -29.65 7.59 24.73
N ASP C 22 5.09 -14.79 10.30
CA ASP C 22 5.94 -13.56 10.39
C ASP C 22 5.89 -12.90 11.78
N ASN C 23 6.30 -11.62 11.86
CA ASN C 23 6.50 -10.92 13.13
C ASN C 23 5.22 -10.59 13.90
N GLU C 24 5.38 -10.37 15.21
CA GLU C 24 4.32 -9.79 16.03
C GLU C 24 4.34 -8.24 15.95
N GLU C 25 4.51 -7.77 14.73
CA GLU C 25 4.23 -6.39 14.35
C GLU C 25 2.74 -6.16 14.32
N THR C 26 2.33 -4.91 14.45
CA THR C 26 0.93 -4.54 14.23
C THR C 26 0.73 -4.39 12.72
N LEU C 27 -0.50 -4.54 12.24
CA LEU C 27 -0.86 -4.21 10.86
C LEU C 27 -0.30 -2.86 10.44
N LYS C 28 -0.51 -1.83 11.26
CA LYS C 28 0.04 -0.52 10.97
C LYS C 28 1.57 -0.55 10.72
N GLN C 29 2.32 -1.16 11.64
CA GLN C 29 3.78 -1.25 11.45
C GLN C 29 4.08 -1.95 10.13
N ARG C 30 3.42 -3.09 9.86
CA ARG C 30 3.67 -3.84 8.60
C ARG C 30 3.46 -2.92 7.38
N LEU C 31 2.39 -2.12 7.41
CA LEU C 31 2.03 -1.29 6.27
C LEU C 31 3.02 -0.16 6.11
N THR C 32 3.40 0.46 7.23
CA THR C 32 4.42 1.50 7.26
C THR C 32 5.73 0.93 6.71
N ASN C 33 6.09 -0.29 7.13
CA ASN C 33 7.33 -0.94 6.65
C ASN C 33 7.26 -1.18 5.15
N LEU C 34 6.11 -1.65 4.71
CA LEU C 34 5.90 -1.89 3.30
C LEU C 34 5.94 -0.59 2.48
N GLU C 35 5.32 0.48 2.98
CA GLU C 35 5.40 1.77 2.30
C GLU C 35 6.86 2.21 2.11
N LYS C 36 7.66 1.99 3.13
CA LYS C 36 9.06 2.39 3.10
C LYS C 36 9.88 1.57 2.10
N LYS C 37 9.61 0.27 2.01
CA LYS C 37 10.31 -0.56 1.08
C LYS C 37 9.93 -0.23 -0.37
N ILE C 38 8.63 0.04 -0.58
CA ILE C 38 8.14 0.45 -1.88
C ILE C 38 8.82 1.76 -2.28
N THR C 39 8.92 2.68 -1.33
CA THR C 39 9.57 3.97 -1.60
C THR C 39 11.05 3.79 -1.91
N ASN C 40 11.73 2.94 -1.15
CA ASN C 40 13.16 2.69 -1.36
C ASN C 40 13.48 2.05 -2.70
N VAL C 41 12.71 1.05 -3.10
CA VAL C 41 12.91 0.40 -4.39
C VAL C 41 12.60 1.39 -5.55
N THR C 42 11.59 2.24 -5.39
CA THR C 42 11.19 3.20 -6.42
C THR C 42 12.32 4.21 -6.57
N THR C 43 12.82 4.71 -5.45
CA THR C 43 13.94 5.62 -5.43
C THR C 43 15.14 4.95 -6.10
N LYS C 44 15.42 3.70 -5.73
CA LYS C 44 16.54 3.00 -6.31
C LYS C 44 16.44 2.94 -7.86
N PHE C 45 15.27 2.55 -8.37
CA PHE C 45 15.01 2.52 -9.80
C PHE C 45 15.21 3.92 -10.41
N GLU C 46 14.71 4.96 -9.76
CA GLU C 46 14.92 6.30 -10.28
C GLU C 46 16.41 6.70 -10.38
N GLN C 47 17.20 6.33 -9.38
CA GLN C 47 18.60 6.67 -9.33
C GLN C 47 19.38 5.93 -10.40
N ILE C 48 19.03 4.68 -10.66
CA ILE C 48 19.65 3.88 -11.71
C ILE C 48 19.34 4.44 -13.11
N GLU C 49 18.08 4.83 -13.33
CA GLU C 49 17.69 5.42 -14.59
C GLU C 49 18.43 6.71 -14.85
N LYS C 50 18.52 7.57 -13.83
CA LYS C 50 19.19 8.84 -13.90
C LYS C 50 20.72 8.62 -14.13
N ALA C 51 21.27 7.60 -13.45
CA ALA C 51 22.69 7.30 -13.60
C ALA C 51 22.97 6.89 -15.04
N ALA C 52 22.04 6.12 -15.62
CA ALA C 52 22.19 5.63 -16.99
C ALA C 52 22.20 6.84 -17.97
N LYS C 53 21.27 7.77 -17.75
CA LYS C 53 21.17 9.00 -18.53
C LYS C 53 22.48 9.78 -18.49
N ARG C 54 23.06 9.86 -17.31
CA ARG C 54 24.26 10.61 -17.06
C ARG C 54 25.44 9.97 -17.75
N ASN C 55 25.54 8.63 -17.66
CA ASN C 55 26.60 7.97 -18.41
C ASN C 55 26.45 8.20 -19.90
N ASP C 56 25.20 8.13 -20.39
CA ASP C 56 24.88 8.34 -21.80
C ASP C 56 25.21 9.78 -22.25
N GLU C 57 24.98 10.76 -21.38
CA GLU C 57 25.38 12.13 -21.67
C GLU C 57 26.88 12.28 -21.83
N VAL C 58 27.66 11.59 -21.02
CA VAL C 58 29.11 11.64 -21.17
C VAL C 58 29.50 10.95 -22.47
N LEU C 59 28.93 9.76 -22.74
CA LEU C 59 29.24 9.05 -23.97
C LEU C 59 28.82 9.90 -25.18
N PHE C 60 27.61 10.50 -25.13
CA PHE C 60 27.17 11.43 -26.20
C PHE C 60 28.20 12.56 -26.47
N ARG C 61 28.66 13.21 -25.39
CA ARG C 61 29.63 14.32 -25.48
C ARG C 61 30.95 13.90 -26.12
N LEU C 62 31.39 12.69 -25.83
CA LEU C 62 32.60 12.13 -26.45
C LEU C 62 32.39 11.66 -27.91
N GLU C 63 31.20 11.21 -28.24
CA GLU C 63 30.89 10.75 -29.59
C GLU C 63 30.45 11.89 -30.50
N ASN C 64 30.18 13.06 -29.94
CA ASN C 64 28.98 13.90 -30.33
C ASN C 64 27.65 13.17 -30.75
C1 PEG D . -23.26 0.25 3.61
O1 PEG D . -22.52 1.43 3.29
C2 PEG D . -24.67 0.59 3.95
O2 PEG D . -25.36 -0.25 3.05
C3 PEG D . -26.54 -0.80 3.62
C4 PEG D . -27.04 -1.75 2.53
O4 PEG D . -27.82 -2.80 3.12
C1 PEG E . -19.88 -0.82 -2.42
O1 PEG E . -19.01 -0.92 -3.54
C2 PEG E . -19.08 -0.50 -1.15
O2 PEG E . -19.76 0.44 -0.28
C3 PEG E . -19.94 -0.05 1.06
C4 PEG E . -21.03 -1.15 1.07
O4 PEG E . -21.33 -1.58 2.40
C1 PEG F . -15.99 5.46 19.69
O1 PEG F . -16.95 5.46 20.78
C2 PEG F . -14.63 4.87 20.13
O2 PEG F . -14.61 3.45 20.41
C3 PEG F . -13.65 3.08 21.47
C4 PEG F . -14.30 2.86 22.86
O4 PEG F . -13.36 2.30 23.81
C1 PEG G . -6.59 5.25 16.47
O1 PEG G . -7.45 5.80 17.47
C2 PEG G . -7.29 5.22 15.10
O2 PEG G . -8.10 6.40 14.81
C3 PEG G . -8.02 6.79 13.41
C4 PEG G . -8.97 7.92 12.99
O4 PEG G . -9.72 8.43 14.11
C1 PEG H . -22.50 0.92 22.62
O1 PEG H . -22.81 -0.05 23.62
C2 PEG H . -21.25 1.70 23.04
O2 PEG H . -20.19 1.53 22.08
C3 PEG H . -18.89 1.64 22.69
C4 PEG H . -18.22 0.26 22.92
O4 PEG H . -16.83 0.45 23.24
C1 PEG I . -28.84 8.52 16.45
O1 PEG I . -29.84 8.58 17.52
C2 PEG I . -29.41 7.78 15.24
O2 PEG I . -28.62 7.94 14.02
C3 PEG I . -29.43 8.16 12.84
C4 PEG I . -30.45 7.09 12.52
O4 PEG I . -31.49 7.66 11.67
C1 PEG J . -16.47 0.17 4.31
O1 PEG J . -15.79 -1.11 4.19
C2 PEG J . -15.88 1.06 5.41
O2 PEG J . -15.50 2.41 4.87
C3 PEG J . -16.29 3.54 5.46
C4 PEG J . -17.80 3.67 5.20
O4 PEG J . -18.55 3.54 6.45
C1 PEG K . 23.37 7.15 -3.74
O1 PEG K . 22.62 6.09 -3.14
C2 PEG K . 23.20 7.11 -5.26
O2 PEG K . 23.58 8.35 -5.90
C3 PEG K . 22.46 9.09 -6.50
C4 PEG K . 22.41 10.54 -5.95
O4 PEG K . 22.84 11.48 -6.94
C1 PEG L . 26.05 13.06 -12.37
O1 PEG L . 26.24 13.37 -10.96
C2 PEG L . 27.30 13.39 -13.26
O2 PEG L . 26.87 13.93 -14.56
C3 PEG L . 27.64 13.48 -15.71
C4 PEG L . 26.89 13.13 -16.99
O4 PEG L . 26.66 14.29 -17.77
#